data_4ZDN
#
_entry.id   4ZDN
#
_cell.length_a   126.685
_cell.length_b   126.685
_cell.length_c   143.681
_cell.angle_alpha   90.00
_cell.angle_beta   90.00
_cell.angle_gamma   90.00
#
_symmetry.space_group_name_H-M   'P 43 2 2'
#
loop_
_entity.id
_entity.type
_entity.pdbx_description
1 polymer 'AT-less polyketide synthase'
2 non-polymer '4-(2-HYDROXYETHYL)-1-PIPERAZINE ETHANESULFONIC ACID'
3 non-polymer 'CHLORIDE ION'
4 water water
#
_entity_poly.entity_id   1
_entity_poly.type   'polypeptide(L)'
_entity_poly.pdbx_seq_one_letter_code
;DADEPIALIGLSGRYPDAPTLEAFWENLRAGRESVREVPAERWPLDAFYEPDPQRAVQQGASYSKWGAFLDDFARFDAAF
FGIAPRDAAD(MSE)DPQERLFVESAWSVLEDAGYTRQRLAEQHASSVGVFAGITKTGFDRHRPPATDGLPPAPRTSFGS
LANRVSYLLDLHGPS(MSE)PIDT(MSE)CSSSLTAIHEACEHLRHGACELAIAGGVNLYLHPSSYVELCRSR(MSE)LA
TDGHCRSFGAGGDGFLPGEGVGAVLLKPLSAAEADGDPIHAVIVGSAINHGGRTNGYTVPNPRAQAALIRDALDRAGVSA
AGIGYIEAHGTGTRLGDPVEIDGLTQAFAPDAGGSGACALGSVKSNIGHLEAAAGIAGLTKAVLQLQHGEFAPTLHAEQT
NPDIDFAATPFTLQTGGAPWPRPADGGPRRAGISSFGAGGANAHVIVAEYRSATPAPATPAPSARPVLLPLSARTTEDLH
ARAGQLSDLLRNGAPVDLPAVAATLQTGREE(MSE)AERVCFVASTPGEWLDQLGAFLADSDSDSDSDSDSDSDSDSDSD
SGSGSEAEAEVPWSRGRVRATRETLAALAEKDELRALVTRWINRGDWHDLAAFWAKG(MSE)PLDWTRLHAGADTPARVH
LPAYPFAGRQFWFGPAGSEHPAT
;
_entity_poly.pdbx_strand_id   A
#
# COMPACT_ATOMS: atom_id res chain seq x y z
N ALA A 2 3.64 -7.64 25.52
CA ALA A 2 2.26 -8.10 25.44
C ALA A 2 1.81 -8.24 23.99
N ASP A 3 2.78 -8.46 23.10
CA ASP A 3 2.49 -8.63 21.67
C ASP A 3 3.67 -9.21 20.91
N GLU A 4 3.38 -9.91 19.82
CA GLU A 4 4.41 -10.44 18.93
C GLU A 4 4.54 -9.56 17.70
N PRO A 5 5.79 -9.25 17.30
CA PRO A 5 6.05 -8.40 16.13
C PRO A 5 5.47 -8.97 14.85
N ILE A 6 4.75 -8.13 14.11
CA ILE A 6 4.24 -8.52 12.80
C ILE A 6 5.04 -7.85 11.69
N ALA A 7 5.69 -8.65 10.86
CA ALA A 7 6.49 -8.14 9.77
C ALA A 7 5.59 -7.64 8.63
N LEU A 8 5.97 -6.49 8.07
CA LEU A 8 5.29 -5.94 6.91
C LEU A 8 6.11 -6.30 5.66
N ILE A 9 5.69 -7.36 4.97
CA ILE A 9 6.51 -7.93 3.90
C ILE A 9 6.05 -7.52 2.50
N GLY A 10 4.88 -6.89 2.43
CA GLY A 10 4.37 -6.44 1.15
C GLY A 10 3.67 -5.10 1.31
N LEU A 11 3.95 -4.18 0.39
CA LEU A 11 3.35 -2.85 0.45
C LEU A 11 3.00 -2.35 -0.95
N SER A 12 1.76 -1.90 -1.10
CA SER A 12 1.31 -1.33 -2.36
C SER A 12 0.39 -0.15 -2.12
N GLY A 13 0.31 0.74 -3.09
CA GLY A 13 -0.51 1.93 -2.95
C GLY A 13 -0.56 2.82 -4.17
N ARG A 14 -1.69 3.50 -4.33
CA ARG A 14 -1.84 4.55 -5.33
C ARG A 14 -2.50 5.74 -4.64
N TYR A 15 -1.96 6.92 -4.89
CA TYR A 15 -2.43 8.12 -4.21
C TYR A 15 -2.42 9.29 -5.20
N PRO A 16 -3.13 10.38 -4.89
CA PRO A 16 -3.20 11.54 -5.80
C PRO A 16 -1.81 11.99 -6.26
N ASP A 17 -1.65 12.10 -7.58
CA ASP A 17 -0.37 12.46 -8.19
C ASP A 17 0.74 11.46 -7.82
N ALA A 18 0.37 10.21 -7.61
CA ALA A 18 1.33 9.19 -7.20
C ALA A 18 0.89 7.78 -7.57
N PRO A 19 1.13 7.38 -8.83
CA PRO A 19 0.76 6.05 -9.32
C PRO A 19 1.60 4.96 -8.66
N THR A 20 2.76 5.34 -8.14
CA THR A 20 3.64 4.41 -7.44
C THR A 20 4.11 5.03 -6.13
N LEU A 21 4.59 4.20 -5.21
CA LEU A 21 5.07 4.69 -3.92
C LEU A 21 6.33 5.53 -4.08
N GLU A 22 7.05 5.34 -5.18
CA GLU A 22 8.20 6.17 -5.51
C GLU A 22 7.77 7.61 -5.73
N ALA A 23 6.71 7.78 -6.51
CA ALA A 23 6.15 9.10 -6.76
C ALA A 23 5.58 9.71 -5.48
N PHE A 24 4.93 8.87 -4.68
CA PHE A 24 4.32 9.30 -3.43
C PHE A 24 5.37 9.87 -2.48
N TRP A 25 6.49 9.17 -2.33
CA TRP A 25 7.53 9.64 -1.45
C TRP A 25 8.16 10.94 -1.96
N GLU A 26 8.32 11.04 -3.28
CA GLU A 26 8.90 12.23 -3.88
C GLU A 26 7.99 13.44 -3.69
N ASN A 27 6.68 13.21 -3.75
CA ASN A 27 5.72 14.27 -3.50
C ASN A 27 5.78 14.73 -2.05
N LEU A 28 5.88 13.76 -1.15
CA LEU A 28 5.97 14.03 0.28
C LEU A 28 7.26 14.77 0.62
N ARG A 29 8.34 14.35 -0.03
CA ARG A 29 9.64 14.98 0.17
C ARG A 29 9.63 16.42 -0.33
N ALA A 30 8.86 16.68 -1.39
CA ALA A 30 8.83 17.99 -2.01
C ALA A 30 7.77 18.90 -1.41
N GLY A 31 7.05 18.39 -0.41
CA GLY A 31 5.99 19.16 0.23
C GLY A 31 4.86 19.50 -0.72
N ARG A 32 4.55 18.58 -1.62
CA ARG A 32 3.55 18.79 -2.65
C ARG A 32 2.12 18.57 -2.15
N GLU A 33 1.22 19.46 -2.55
CA GLU A 33 -0.20 19.28 -2.27
C GLU A 33 -0.95 18.92 -3.54
N SER A 34 -1.71 17.84 -3.50
CA SER A 34 -2.40 17.35 -4.68
C SER A 34 -3.87 17.74 -4.70
N VAL A 35 -4.16 18.98 -4.32
CA VAL A 35 -5.53 19.46 -4.30
C VAL A 35 -5.97 19.86 -5.71
N ARG A 36 -7.25 19.64 -6.01
CA ARG A 36 -7.78 19.85 -7.36
C ARG A 36 -9.29 20.06 -7.31
N GLU A 37 -9.81 20.86 -8.23
CA GLU A 37 -11.26 20.98 -8.36
C GLU A 37 -11.86 19.67 -8.91
N VAL A 38 -13.10 19.39 -8.55
CA VAL A 38 -13.76 18.14 -8.93
C VAL A 38 -13.76 17.92 -10.44
N PRO A 39 -13.14 16.82 -10.89
CA PRO A 39 -13.04 16.45 -12.31
C PRO A 39 -14.39 16.39 -13.00
N ALA A 40 -14.42 16.77 -14.27
CA ALA A 40 -15.66 16.80 -15.04
C ALA A 40 -16.27 15.40 -15.17
N GLU A 41 -15.43 14.38 -15.15
CA GLU A 41 -15.88 13.01 -15.33
C GLU A 41 -16.60 12.46 -14.10
N ARG A 42 -16.36 13.08 -12.95
CA ARG A 42 -17.04 12.67 -11.72
C ARG A 42 -18.48 13.19 -11.70
N TRP A 43 -18.62 14.51 -11.61
CA TRP A 43 -19.93 15.15 -11.68
C TRP A 43 -19.76 16.65 -11.95
N PRO A 44 -20.70 17.23 -12.70
CA PRO A 44 -20.70 18.67 -12.99
C PRO A 44 -20.82 19.53 -11.73
N LEU A 45 -20.11 20.66 -11.71
CA LEU A 45 -20.17 21.56 -10.57
C LEU A 45 -21.31 22.57 -10.71
N ASP A 46 -22.09 22.41 -11.78
CA ASP A 46 -23.18 23.34 -12.09
C ASP A 46 -24.19 23.44 -10.96
N ALA A 47 -24.93 22.36 -10.72
CA ALA A 47 -25.95 22.34 -9.68
C ALA A 47 -25.39 21.73 -8.39
N PHE A 48 -24.07 21.75 -8.26
CA PHE A 48 -23.41 21.11 -7.13
C PHE A 48 -22.75 22.13 -6.19
N TYR A 49 -21.89 22.97 -6.73
CA TYR A 49 -21.10 23.89 -5.92
C TYR A 49 -21.85 25.16 -5.55
N GLU A 50 -21.99 25.40 -4.25
CA GLU A 50 -22.56 26.64 -3.74
C GLU A 50 -21.54 27.32 -2.83
N PRO A 51 -20.95 28.43 -3.30
CA PRO A 51 -19.88 29.17 -2.62
C PRO A 51 -20.17 29.46 -1.14
N ASP A 52 -21.40 29.83 -0.81
CA ASP A 52 -21.76 30.13 0.57
C ASP A 52 -22.13 28.86 1.35
N PRO A 53 -21.39 28.58 2.44
CA PRO A 53 -21.56 27.40 3.28
C PRO A 53 -22.95 27.29 3.90
N GLN A 54 -23.49 28.40 4.38
CA GLN A 54 -24.79 28.40 5.03
C GLN A 54 -25.93 28.13 4.04
N ARG A 55 -25.83 28.76 2.87
CA ARG A 55 -26.83 28.57 1.82
C ARG A 55 -26.69 27.21 1.15
N ALA A 56 -25.52 26.60 1.29
CA ALA A 56 -25.23 25.31 0.67
C ALA A 56 -25.95 24.17 1.38
N VAL A 57 -25.93 24.21 2.71
CA VAL A 57 -26.61 23.19 3.51
C VAL A 57 -28.10 23.20 3.20
N GLN A 58 -28.66 24.39 3.00
CA GLN A 58 -30.02 24.52 2.51
C GLN A 58 -30.04 24.17 1.02
N GLN A 59 -31.15 23.60 0.57
CA GLN A 59 -31.31 23.16 -0.83
C GLN A 59 -30.30 22.07 -1.21
N GLY A 60 -29.70 21.45 -0.21
CA GLY A 60 -28.85 20.28 -0.40
C GLY A 60 -27.69 20.39 -1.37
N ALA A 61 -26.79 21.34 -1.14
CA ALA A 61 -25.64 21.51 -2.02
C ALA A 61 -24.33 21.25 -1.27
N SER A 62 -23.24 21.76 -1.82
CA SER A 62 -21.91 21.59 -1.24
C SER A 62 -21.07 22.84 -1.39
N TYR A 63 -20.46 23.28 -0.29
CA TYR A 63 -19.62 24.48 -0.33
C TYR A 63 -18.16 24.15 -0.62
N SER A 64 -17.91 22.89 -1.00
CA SER A 64 -16.57 22.47 -1.39
C SER A 64 -16.55 22.01 -2.84
N LYS A 65 -15.56 22.49 -3.59
CA LYS A 65 -15.40 22.13 -4.98
C LYS A 65 -14.06 21.41 -5.19
N TRP A 66 -13.28 21.33 -4.12
CA TRP A 66 -11.93 20.77 -4.20
C TRP A 66 -11.85 19.32 -3.71
N GLY A 67 -10.70 18.70 -3.94
CA GLY A 67 -10.49 17.32 -3.53
C GLY A 67 -9.23 16.77 -4.16
N ALA A 68 -8.57 15.85 -3.46
CA ALA A 68 -7.41 15.17 -4.01
C ALA A 68 -7.85 13.87 -4.65
N PHE A 69 -7.86 13.85 -5.99
CA PHE A 69 -8.44 12.73 -6.72
C PHE A 69 -7.40 11.79 -7.29
N LEU A 70 -7.84 10.57 -7.59
CA LEU A 70 -6.97 9.50 -8.04
C LEU A 70 -7.08 9.27 -9.55
N ASP A 71 -5.94 9.25 -10.23
CA ASP A 71 -5.92 8.99 -11.66
C ASP A 71 -6.25 7.53 -11.94
N ASP A 72 -6.95 7.29 -13.05
CA ASP A 72 -7.36 5.95 -13.46
C ASP A 72 -8.13 5.22 -12.36
N PHE A 73 -9.03 5.95 -11.70
CA PHE A 73 -9.83 5.36 -10.63
C PHE A 73 -10.76 4.29 -11.19
N ALA A 74 -11.19 4.46 -12.43
CA ALA A 74 -12.16 3.57 -13.04
C ALA A 74 -11.50 2.52 -13.92
N ARG A 75 -10.17 2.56 -13.98
CA ARG A 75 -9.41 1.63 -14.82
C ARG A 75 -9.23 0.30 -14.11
N PHE A 76 -9.43 -0.79 -14.85
CA PHE A 76 -9.36 -2.12 -14.26
C PHE A 76 -9.02 -3.16 -15.32
N ASP A 77 -8.01 -3.98 -15.04
CA ASP A 77 -7.63 -5.06 -15.93
C ASP A 77 -8.49 -6.28 -15.65
N ALA A 78 -9.72 -6.26 -16.16
CA ALA A 78 -10.68 -7.33 -15.91
C ALA A 78 -10.22 -8.64 -16.52
N ALA A 79 -9.67 -8.58 -17.73
CA ALA A 79 -9.22 -9.76 -18.45
C ALA A 79 -8.19 -10.54 -17.63
N PHE A 80 -7.31 -9.81 -16.96
CA PHE A 80 -6.29 -10.40 -16.09
C PHE A 80 -6.90 -11.31 -15.03
N PHE A 81 -8.06 -10.91 -14.51
CA PHE A 81 -8.68 -11.65 -13.42
C PHE A 81 -9.81 -12.55 -13.90
N GLY A 82 -9.93 -12.69 -15.22
CA GLY A 82 -10.94 -13.55 -15.80
C GLY A 82 -12.35 -13.05 -15.55
N ILE A 83 -12.46 -11.75 -15.32
CA ILE A 83 -13.75 -11.11 -15.08
C ILE A 83 -14.31 -10.54 -16.38
N ALA A 84 -15.55 -10.89 -16.70
CA ALA A 84 -16.20 -10.38 -17.89
C ALA A 84 -16.41 -8.88 -17.79
N PRO A 85 -16.25 -8.17 -18.92
CA PRO A 85 -16.38 -6.70 -18.97
C PRO A 85 -17.68 -6.20 -18.36
N ARG A 86 -18.76 -6.94 -18.59
CA ARG A 86 -20.07 -6.56 -18.09
C ARG A 86 -20.11 -6.56 -16.57
N ASP A 87 -19.57 -7.62 -15.98
CA ASP A 87 -19.55 -7.76 -14.52
C ASP A 87 -18.63 -6.72 -13.87
N ALA A 88 -17.51 -6.45 -14.51
CA ALA A 88 -16.55 -5.47 -14.01
C ALA A 88 -17.16 -4.08 -13.98
N ALA A 89 -17.96 -3.77 -15.00
CA ALA A 89 -18.62 -2.47 -15.07
C ALA A 89 -19.55 -2.28 -13.89
N ASP A 90 -20.14 -3.38 -13.43
CA ASP A 90 -21.15 -3.32 -12.37
C ASP A 90 -20.55 -3.29 -10.96
N ASP A 92 -18.27 -1.85 -7.97
CA ASP A 92 -17.73 -0.58 -7.46
C ASP A 92 -16.24 -0.44 -7.78
N PRO A 93 -15.85 0.67 -8.42
CA PRO A 93 -14.45 0.97 -8.73
C PRO A 93 -13.54 0.83 -7.52
N GLN A 94 -14.05 1.12 -6.33
CA GLN A 94 -13.31 0.92 -5.08
C GLN A 94 -12.87 -0.54 -4.97
N GLU A 95 -13.77 -1.45 -5.33
CA GLU A 95 -13.48 -2.88 -5.24
C GLU A 95 -12.54 -3.32 -6.36
N ARG A 96 -12.66 -2.70 -7.53
CA ARG A 96 -11.79 -3.03 -8.65
C ARG A 96 -10.34 -2.64 -8.32
N LEU A 97 -10.16 -1.41 -7.86
CA LEU A 97 -8.83 -0.91 -7.52
C LEU A 97 -8.18 -1.75 -6.42
N PHE A 98 -8.98 -2.19 -5.47
CA PHE A 98 -8.43 -2.94 -4.33
C PHE A 98 -7.99 -4.34 -4.75
N VAL A 99 -8.64 -4.91 -5.76
CA VAL A 99 -8.24 -6.21 -6.28
C VAL A 99 -6.84 -6.11 -6.88
N GLU A 100 -6.63 -5.12 -7.74
CA GLU A 100 -5.31 -4.89 -8.32
C GLU A 100 -4.26 -4.64 -7.25
N SER A 101 -4.63 -3.89 -6.22
N SER A 101 -4.64 -3.88 -6.23
CA SER A 101 -3.73 -3.60 -5.11
CA SER A 101 -3.77 -3.60 -5.11
C SER A 101 -3.42 -4.86 -4.32
C SER A 101 -3.41 -4.88 -4.37
N ALA A 102 -4.41 -5.75 -4.21
CA ALA A 102 -4.22 -7.00 -3.49
C ALA A 102 -3.27 -7.92 -4.25
N TRP A 103 -3.34 -7.89 -5.57
CA TRP A 103 -2.41 -8.68 -6.37
C TRP A 103 -1.01 -8.10 -6.24
N SER A 104 -0.94 -6.78 -6.19
CA SER A 104 0.33 -6.07 -6.17
C SER A 104 1.13 -6.33 -4.90
N VAL A 105 0.46 -6.39 -3.75
CA VAL A 105 1.19 -6.67 -2.50
C VAL A 105 1.75 -8.08 -2.51
N LEU A 106 1.03 -9.01 -3.15
CA LEU A 106 1.52 -10.37 -3.28
C LEU A 106 2.81 -10.39 -4.08
N GLU A 107 2.81 -9.73 -5.23
CA GLU A 107 4.01 -9.68 -6.07
C GLU A 107 5.15 -8.93 -5.39
N ASP A 108 4.82 -7.85 -4.69
CA ASP A 108 5.83 -7.09 -3.96
C ASP A 108 6.51 -7.96 -2.93
N ALA A 109 5.72 -8.78 -2.24
CA ALA A 109 6.25 -9.67 -1.22
C ALA A 109 6.93 -10.89 -1.83
N GLY A 110 6.68 -11.11 -3.12
CA GLY A 110 7.28 -12.23 -3.82
C GLY A 110 6.49 -13.52 -3.64
N TYR A 111 5.19 -13.39 -3.40
CA TYR A 111 4.34 -14.57 -3.24
C TYR A 111 3.49 -14.83 -4.48
N THR A 112 3.49 -16.09 -4.91
CA THR A 112 2.58 -16.54 -5.94
C THR A 112 1.41 -17.26 -5.28
N ARG A 113 0.35 -17.51 -6.03
CA ARG A 113 -0.80 -18.23 -5.50
C ARG A 113 -0.38 -19.66 -5.13
N GLN A 114 0.52 -20.22 -5.92
CA GLN A 114 1.00 -21.57 -5.68
C GLN A 114 1.81 -21.66 -4.38
N ARG A 115 2.65 -20.67 -4.14
CA ARG A 115 3.50 -20.69 -2.94
C ARG A 115 2.65 -20.54 -1.68
N LEU A 116 1.61 -19.72 -1.76
CA LEU A 116 0.69 -19.57 -0.65
C LEU A 116 0.04 -20.90 -0.30
N ALA A 117 -0.33 -21.66 -1.32
CA ALA A 117 -1.00 -22.93 -1.15
C ALA A 117 -0.07 -23.99 -0.56
N GLU A 118 1.09 -24.16 -1.18
CA GLU A 118 2.03 -25.21 -0.78
C GLU A 118 2.69 -24.92 0.56
N GLN A 119 3.00 -23.66 0.83
CA GLN A 119 3.79 -23.31 1.99
C GLN A 119 2.92 -22.88 3.19
N HIS A 120 1.73 -22.34 2.93
CA HIS A 120 0.90 -21.83 4.01
C HIS A 120 -0.55 -22.31 3.96
N ALA A 121 -0.83 -23.28 3.10
CA ALA A 121 -2.17 -23.83 2.95
C ALA A 121 -3.20 -22.75 2.61
N SER A 122 -2.73 -21.68 1.96
CA SER A 122 -3.56 -20.55 1.55
C SER A 122 -4.29 -19.89 2.72
N SER A 123 -3.81 -20.10 3.95
CA SER A 123 -4.43 -19.47 5.11
C SER A 123 -4.04 -18.01 5.17
N VAL A 124 -4.59 -17.22 4.25
CA VAL A 124 -4.33 -15.79 4.22
C VAL A 124 -5.62 -15.03 4.47
N GLY A 125 -5.61 -14.21 5.53
CA GLY A 125 -6.77 -13.42 5.87
C GLY A 125 -6.82 -12.14 5.07
N VAL A 126 -8.03 -11.64 4.82
CA VAL A 126 -8.19 -10.37 4.12
C VAL A 126 -9.06 -9.42 4.95
N PHE A 127 -8.50 -8.27 5.31
CA PHE A 127 -9.22 -7.27 6.08
C PHE A 127 -9.19 -5.94 5.34
N ALA A 128 -10.27 -5.63 4.63
CA ALA A 128 -10.28 -4.49 3.72
C ALA A 128 -11.10 -3.31 4.23
N GLY A 129 -10.41 -2.21 4.49
CA GLY A 129 -11.07 -0.99 4.96
C GLY A 129 -11.88 -0.30 3.87
N ILE A 130 -13.10 0.08 4.22
CA ILE A 130 -13.97 0.81 3.31
C ILE A 130 -15.14 1.37 4.11
N THR A 131 -15.63 2.54 3.73
CA THR A 131 -16.75 3.17 4.43
C THR A 131 -17.62 3.96 3.46
N LYS A 132 -17.05 4.32 2.32
CA LYS A 132 -17.72 5.21 1.39
C LYS A 132 -18.65 4.47 0.45
N THR A 133 -19.92 4.89 0.42
CA THR A 133 -20.87 4.39 -0.56
C THR A 133 -21.33 5.55 -1.45
N GLY A 134 -22.09 5.23 -2.49
CA GLY A 134 -22.58 6.26 -3.40
C GLY A 134 -22.61 5.78 -4.84
N PHE A 135 -21.93 4.66 -5.10
CA PHE A 135 -21.92 4.07 -6.43
C PHE A 135 -23.32 3.56 -6.79
N ASP A 136 -24.09 3.21 -5.77
CA ASP A 136 -25.48 2.78 -5.94
C ASP A 136 -26.33 3.85 -6.62
N ARG A 137 -26.03 5.11 -6.31
CA ARG A 137 -26.84 6.23 -6.76
C ARG A 137 -26.85 6.37 -8.30
N HIS A 138 -25.77 5.94 -8.94
CA HIS A 138 -25.65 6.00 -10.39
C HIS A 138 -26.68 5.13 -11.08
N ARG A 139 -27.36 5.69 -12.08
CA ARG A 139 -28.32 4.94 -12.87
C ARG A 139 -27.99 5.04 -14.36
N PRO A 140 -27.04 4.21 -14.83
CA PRO A 140 -26.58 4.24 -16.22
C PRO A 140 -27.58 3.61 -17.19
N PRO A 141 -27.51 3.99 -18.48
CA PRO A 141 -28.41 3.52 -19.53
C PRO A 141 -28.14 2.06 -19.93
N ALA A 142 -29.17 1.39 -20.43
CA ALA A 142 -29.07 -0.02 -20.80
C ALA A 142 -28.16 -0.24 -22.00
N PRO A 147 -29.62 -5.11 -18.14
CA PRO A 147 -29.59 -3.72 -17.63
C PRO A 147 -28.55 -3.53 -16.52
N PRO A 148 -27.73 -2.49 -16.63
CA PRO A 148 -26.64 -2.19 -15.69
C PRO A 148 -27.15 -1.96 -14.26
N ALA A 149 -26.47 -2.57 -13.29
CA ALA A 149 -26.86 -2.42 -11.88
C ALA A 149 -25.64 -2.20 -11.00
N PRO A 150 -25.20 -0.93 -10.87
CA PRO A 150 -24.09 -0.56 -9.98
C PRO A 150 -24.36 -0.99 -8.53
N ARG A 151 -23.35 -1.58 -7.90
CA ARG A 151 -23.53 -2.14 -6.56
C ARG A 151 -22.28 -2.00 -5.70
N THR A 152 -22.46 -1.63 -4.44
CA THR A 152 -21.37 -1.62 -3.48
C THR A 152 -21.57 -2.70 -2.43
N SER A 153 -20.65 -3.66 -2.41
CA SER A 153 -20.71 -4.75 -1.44
C SER A 153 -19.42 -4.79 -0.62
N PHE A 154 -19.50 -4.33 0.62
CA PHE A 154 -18.37 -4.34 1.53
C PHE A 154 -17.81 -5.76 1.67
N GLY A 155 -18.71 -6.73 1.78
CA GLY A 155 -18.33 -8.12 1.86
C GLY A 155 -17.55 -8.57 0.64
N SER A 156 -18.02 -8.19 -0.55
CA SER A 156 -17.38 -8.59 -1.79
C SER A 156 -15.97 -8.07 -1.91
N LEU A 157 -15.76 -6.83 -1.47
CA LEU A 157 -14.45 -6.20 -1.46
C LEU A 157 -13.39 -7.15 -0.94
N ALA A 158 -13.65 -7.76 0.22
CA ALA A 158 -12.73 -8.73 0.80
C ALA A 158 -12.89 -10.11 0.17
N ASN A 159 -14.14 -10.57 0.06
CA ASN A 159 -14.41 -11.92 -0.39
C ASN A 159 -13.99 -12.19 -1.84
N ARG A 160 -14.12 -11.21 -2.71
CA ARG A 160 -13.70 -11.37 -4.11
C ARG A 160 -12.17 -11.51 -4.20
N VAL A 161 -11.47 -10.77 -3.35
CA VAL A 161 -10.02 -10.89 -3.27
C VAL A 161 -9.63 -12.29 -2.81
N SER A 162 -10.29 -12.78 -1.77
CA SER A 162 -10.06 -14.13 -1.26
C SER A 162 -10.39 -15.16 -2.33
N TYR A 163 -11.39 -14.85 -3.15
CA TYR A 163 -11.80 -15.73 -4.24
C TYR A 163 -10.72 -15.80 -5.32
N LEU A 164 -10.48 -14.67 -5.96
CA LEU A 164 -9.58 -14.59 -7.11
C LEU A 164 -8.17 -15.07 -6.81
N LEU A 165 -7.75 -14.92 -5.55
CA LEU A 165 -6.40 -15.25 -5.15
C LEU A 165 -6.34 -16.60 -4.44
N ASP A 166 -7.51 -17.24 -4.31
CA ASP A 166 -7.65 -18.53 -3.64
C ASP A 166 -7.12 -18.49 -2.20
N LEU A 167 -7.67 -17.59 -1.40
CA LEU A 167 -7.29 -17.49 0.01
C LEU A 167 -8.37 -18.11 0.91
N HIS A 168 -7.94 -18.81 1.95
CA HIS A 168 -8.87 -19.55 2.79
C HIS A 168 -8.97 -19.00 4.22
N GLY A 169 -8.31 -17.88 4.47
CA GLY A 169 -8.36 -17.25 5.77
C GLY A 169 -9.60 -16.40 5.93
N PRO A 170 -9.75 -15.77 7.10
CA PRO A 170 -10.85 -14.84 7.35
C PRO A 170 -10.93 -13.76 6.29
N SER A 171 -12.15 -13.48 5.80
CA SER A 171 -12.33 -12.51 4.74
C SER A 171 -13.50 -11.60 5.03
N PRO A 173 -14.75 -7.07 5.23
CA PRO A 173 -14.48 -5.64 5.20
C PRO A 173 -14.34 -5.09 6.62
N ILE A 174 -13.76 -3.91 6.74
CA ILE A 174 -13.70 -3.23 8.02
C ILE A 174 -14.21 -1.81 7.83
N ASP A 175 -15.36 -1.51 8.41
CA ASP A 175 -15.92 -0.16 8.34
C ASP A 175 -16.06 0.46 9.72
N THR A 176 -15.02 1.15 10.17
CA THR A 176 -15.12 1.97 11.37
C THR A 176 -15.03 3.43 10.94
N CYS A 178 -13.80 6.70 9.48
CA CYS A 178 -12.54 7.38 9.21
C CYS A 178 -11.30 6.57 9.61
N SER A 179 -11.49 5.53 10.41
CA SER A 179 -10.36 4.75 10.91
C SER A 179 -10.32 3.34 10.33
N SER A 180 -11.11 3.11 9.28
CA SER A 180 -11.31 1.77 8.73
C SER A 180 -10.03 0.98 8.48
N SER A 181 -9.18 1.50 7.60
CA SER A 181 -7.98 0.77 7.19
C SER A 181 -7.02 0.54 8.35
N LEU A 182 -6.98 1.47 9.30
CA LEU A 182 -6.08 1.29 10.43
C LEU A 182 -6.67 0.25 11.39
N THR A 183 -7.98 0.22 11.48
CA THR A 183 -8.66 -0.84 12.24
C THR A 183 -8.38 -2.18 11.58
N ALA A 184 -8.41 -2.18 10.25
CA ALA A 184 -8.19 -3.40 9.48
C ALA A 184 -6.77 -3.93 9.67
N ILE A 185 -5.80 -3.03 9.62
CA ILE A 185 -4.40 -3.38 9.83
C ILE A 185 -4.21 -3.95 11.25
N HIS A 186 -4.88 -3.35 12.22
CA HIS A 186 -4.83 -3.84 13.59
C HIS A 186 -5.43 -5.24 13.71
N GLU A 187 -6.63 -5.42 13.18
CA GLU A 187 -7.32 -6.70 13.24
C GLU A 187 -6.53 -7.80 12.56
N ALA A 188 -5.91 -7.46 11.42
CA ALA A 188 -5.06 -8.41 10.70
C ALA A 188 -3.94 -8.90 11.60
N CYS A 189 -3.29 -7.96 12.28
CA CYS A 189 -2.20 -8.29 13.21
C CYS A 189 -2.68 -9.22 14.32
N GLU A 190 -3.84 -8.92 14.89
CA GLU A 190 -4.41 -9.72 15.96
C GLU A 190 -4.64 -11.17 15.52
N HIS A 191 -5.22 -11.33 14.34
CA HIS A 191 -5.48 -12.67 13.80
C HIS A 191 -4.19 -13.43 13.58
N LEU A 192 -3.13 -12.70 13.25
CA LEU A 192 -1.81 -13.30 13.05
C LEU A 192 -1.17 -13.70 14.37
N ARG A 193 -1.29 -12.86 15.38
CA ARG A 193 -0.73 -13.14 16.70
C ARG A 193 -1.39 -14.34 17.36
N HIS A 194 -2.63 -14.63 16.96
CA HIS A 194 -3.41 -15.66 17.62
C HIS A 194 -3.58 -16.91 16.75
N GLY A 195 -2.92 -16.91 15.60
CA GLY A 195 -2.91 -18.09 14.74
C GLY A 195 -4.19 -18.30 13.96
N ALA A 196 -4.98 -17.24 13.79
CA ALA A 196 -6.19 -17.33 12.99
C ALA A 196 -5.85 -17.53 11.52
N CYS A 197 -4.65 -17.10 11.13
CA CYS A 197 -4.14 -17.29 9.78
C CYS A 197 -2.62 -17.06 9.77
N GLU A 198 -1.95 -17.55 8.73
CA GLU A 198 -0.49 -17.48 8.67
C GLU A 198 -0.01 -16.21 7.98
N LEU A 199 -0.82 -15.68 7.08
CA LEU A 199 -0.56 -14.38 6.47
C LEU A 199 -1.85 -13.56 6.44
N ALA A 200 -1.73 -12.27 6.15
CA ALA A 200 -2.90 -11.41 6.11
C ALA A 200 -2.72 -10.20 5.20
N ILE A 201 -3.68 -10.00 4.32
CA ILE A 201 -3.77 -8.77 3.54
C ILE A 201 -4.69 -7.79 4.26
N ALA A 202 -4.19 -6.59 4.52
CA ALA A 202 -5.02 -5.55 5.08
C ALA A 202 -4.79 -4.25 4.32
N GLY A 203 -5.83 -3.47 4.15
CA GLY A 203 -5.70 -2.21 3.44
C GLY A 203 -6.97 -1.39 3.46
N GLY A 204 -7.11 -0.52 2.47
CA GLY A 204 -8.27 0.34 2.38
C GLY A 204 -8.36 1.04 1.05
N VAL A 205 -9.56 1.51 0.73
CA VAL A 205 -9.79 2.22 -0.53
C VAL A 205 -10.81 3.31 -0.28
N ASN A 206 -10.69 4.42 -1.00
CA ASN A 206 -11.59 5.54 -0.83
C ASN A 206 -11.78 6.32 -2.12
N LEU A 207 -12.99 6.31 -2.64
CA LEU A 207 -13.32 7.09 -3.82
C LEU A 207 -14.61 7.88 -3.60
N TYR A 208 -14.71 9.02 -4.28
CA TYR A 208 -15.93 9.80 -4.27
C TYR A 208 -16.60 9.70 -5.64
N LEU A 209 -17.56 8.79 -5.75
CA LEU A 209 -18.15 8.43 -7.03
C LEU A 209 -19.43 9.20 -7.30
N HIS A 210 -20.06 9.69 -6.24
CA HIS A 210 -21.30 10.45 -6.38
C HIS A 210 -21.21 11.76 -5.63
N PRO A 211 -21.77 12.84 -6.19
CA PRO A 211 -21.75 14.16 -5.56
C PRO A 211 -22.45 14.21 -4.21
N SER A 212 -23.33 13.25 -3.94
CA SER A 212 -24.07 13.21 -2.69
C SER A 212 -23.14 13.04 -1.48
N SER A 213 -21.97 12.47 -1.71
CA SER A 213 -20.96 12.31 -0.66
C SER A 213 -20.55 13.65 -0.08
N TYR A 214 -20.22 14.59 -0.97
CA TYR A 214 -19.84 15.94 -0.57
C TYR A 214 -20.99 16.66 0.13
N VAL A 215 -22.20 16.48 -0.39
CA VAL A 215 -23.39 17.12 0.16
C VAL A 215 -23.60 16.70 1.62
N GLU A 216 -23.44 15.41 1.88
CA GLU A 216 -23.62 14.87 3.23
C GLU A 216 -22.53 15.35 4.17
N LEU A 217 -21.29 15.35 3.70
CA LEU A 217 -20.16 15.84 4.48
C LEU A 217 -20.28 17.33 4.78
N CYS A 218 -20.99 18.05 3.89
CA CYS A 218 -21.20 19.48 4.06
C CYS A 218 -22.30 19.78 5.06
N ARG A 219 -23.34 18.93 5.06
CA ARG A 219 -24.47 19.08 5.97
C ARG A 219 -24.00 19.03 7.42
N SER A 220 -22.98 18.23 7.69
CA SER A 220 -22.41 18.11 9.02
C SER A 220 -21.30 19.13 9.25
N ARG A 221 -21.10 20.00 8.26
CA ARG A 221 -20.08 21.04 8.33
C ARG A 221 -18.69 20.47 8.61
N LEU A 223 -16.49 19.57 5.95
CA LEU A 223 -15.59 19.91 4.87
C LEU A 223 -14.98 21.30 5.04
N ALA A 224 -13.73 21.45 4.60
CA ALA A 224 -13.06 22.74 4.66
C ALA A 224 -13.62 23.68 3.60
N THR A 225 -13.81 24.94 3.96
CA THR A 225 -14.35 25.93 3.04
C THR A 225 -13.30 26.39 2.02
N ASP A 226 -12.03 26.22 2.36
CA ASP A 226 -10.95 26.65 1.49
C ASP A 226 -10.36 25.47 0.70
N GLY A 227 -10.72 24.25 1.12
CA GLY A 227 -10.27 23.05 0.42
C GLY A 227 -8.87 22.63 0.79
N HIS A 228 -8.54 22.69 2.08
CA HIS A 228 -7.24 22.29 2.57
C HIS A 228 -7.33 21.56 3.90
N CYS A 229 -6.35 20.72 4.19
CA CYS A 229 -6.23 20.10 5.50
C CYS A 229 -5.12 20.76 6.30
N ARG A 230 -5.42 21.92 6.87
CA ARG A 230 -4.45 22.63 7.68
C ARG A 230 -4.28 21.94 9.03
N SER A 231 -3.68 20.76 8.99
CA SER A 231 -3.48 19.96 10.19
C SER A 231 -2.65 20.71 11.22
N PHE A 232 -3.28 21.03 12.35
CA PHE A 232 -2.63 21.71 13.46
C PHE A 232 -2.13 23.09 13.04
N GLY A 233 -2.75 23.65 12.00
CA GLY A 233 -2.43 24.99 11.55
C GLY A 233 -3.56 25.94 11.88
N ALA A 234 -3.25 27.23 11.94
CA ALA A 234 -4.25 28.25 12.25
C ALA A 234 -5.31 28.33 11.17
N GLY A 235 -6.53 28.66 11.56
CA GLY A 235 -7.64 28.79 10.63
C GLY A 235 -8.14 27.44 10.14
N GLY A 236 -7.98 26.42 10.99
CA GLY A 236 -8.43 25.08 10.66
C GLY A 236 -9.94 24.99 10.52
N ASP A 237 -10.41 24.76 9.30
CA ASP A 237 -11.83 24.72 9.00
C ASP A 237 -12.39 23.30 9.15
N GLY A 238 -12.35 22.56 8.05
CA GLY A 238 -12.72 21.15 8.05
C GLY A 238 -11.63 20.37 7.35
N PHE A 239 -11.99 19.31 6.64
CA PHE A 239 -10.99 18.55 5.89
C PHE A 239 -11.25 18.59 4.39
N LEU A 240 -10.23 18.19 3.63
CA LEU A 240 -10.33 18.07 2.19
C LEU A 240 -10.45 16.62 1.79
N PRO A 241 -11.51 16.27 1.05
CA PRO A 241 -11.73 14.88 0.63
C PRO A 241 -10.58 14.36 -0.23
N GLY A 242 -10.05 13.18 0.13
CA GLY A 242 -8.94 12.60 -0.60
C GLY A 242 -9.18 11.17 -1.02
N GLU A 243 -8.64 10.79 -2.17
CA GLU A 243 -8.82 9.44 -2.69
C GLU A 243 -7.53 8.63 -2.61
N GLY A 244 -7.64 7.31 -2.70
CA GLY A 244 -6.46 6.46 -2.66
C GLY A 244 -6.73 5.00 -2.39
N VAL A 245 -5.82 4.15 -2.87
CA VAL A 245 -5.86 2.72 -2.60
C VAL A 245 -4.55 2.29 -1.98
N GLY A 246 -4.60 1.41 -1.00
CA GLY A 246 -3.40 0.90 -0.37
C GLY A 246 -3.62 -0.44 0.28
N ALA A 247 -2.59 -1.26 0.33
CA ALA A 247 -2.67 -2.55 0.99
C ALA A 247 -1.31 -2.95 1.54
N VAL A 248 -1.33 -3.81 2.57
CA VAL A 248 -0.10 -4.38 3.10
C VAL A 248 -0.24 -5.89 3.19
N LEU A 249 0.87 -6.61 3.05
CA LEU A 249 0.87 -8.03 3.34
C LEU A 249 1.62 -8.26 4.64
N LEU A 250 0.95 -8.89 5.59
CA LEU A 250 1.52 -9.03 6.93
C LEU A 250 1.78 -10.49 7.29
N LYS A 251 2.82 -10.71 8.09
CA LYS A 251 3.20 -12.02 8.56
C LYS A 251 4.04 -11.85 9.83
N PRO A 252 3.84 -12.73 10.83
CA PRO A 252 4.65 -12.67 12.06
C PRO A 252 6.15 -12.62 11.77
N LEU A 253 6.86 -11.71 12.43
CA LEU A 253 8.28 -11.50 12.19
C LEU A 253 9.05 -12.79 12.33
N SER A 254 8.65 -13.61 13.30
CA SER A 254 9.26 -14.91 13.53
C SER A 254 9.25 -15.76 12.26
N ALA A 255 8.08 -15.87 11.62
CA ALA A 255 7.93 -16.68 10.43
C ALA A 255 8.58 -16.04 9.21
N ALA A 256 8.48 -14.72 9.12
CA ALA A 256 9.00 -13.99 7.97
C ALA A 256 10.51 -14.14 7.84
N GLU A 257 11.21 -14.00 8.96
CA GLU A 257 12.66 -14.14 8.97
C GLU A 257 13.09 -15.57 8.65
N ALA A 258 12.33 -16.53 9.17
CA ALA A 258 12.62 -17.95 8.93
C ALA A 258 12.39 -18.32 7.46
N ASP A 259 11.37 -17.73 6.85
CA ASP A 259 11.04 -18.04 5.47
C ASP A 259 11.80 -17.16 4.48
N GLY A 260 12.64 -16.27 5.02
CA GLY A 260 13.46 -15.41 4.20
C GLY A 260 12.68 -14.37 3.41
N ASP A 261 11.53 -13.96 3.94
CA ASP A 261 10.72 -12.93 3.32
C ASP A 261 11.43 -11.58 3.33
N PRO A 262 11.18 -10.76 2.30
CA PRO A 262 11.67 -9.38 2.30
C PRO A 262 10.81 -8.51 3.21
N ILE A 263 11.44 -7.77 4.12
CA ILE A 263 10.71 -7.05 5.17
C ILE A 263 10.84 -5.54 5.06
N HIS A 264 9.72 -4.85 4.85
CA HIS A 264 9.70 -3.39 4.77
C HIS A 264 9.88 -2.76 6.15
N ALA A 265 9.08 -3.20 7.10
CA ALA A 265 9.12 -2.67 8.46
C ALA A 265 8.42 -3.63 9.40
N VAL A 266 8.34 -3.26 10.68
CA VAL A 266 7.70 -4.11 11.67
C VAL A 266 6.65 -3.36 12.48
N ILE A 267 5.45 -3.92 12.54
CA ILE A 267 4.41 -3.41 13.42
C ILE A 267 4.58 -4.02 14.80
N VAL A 268 5.09 -3.23 15.74
CA VAL A 268 5.47 -3.74 17.05
C VAL A 268 4.33 -3.64 18.07
N GLY A 269 3.31 -2.84 17.76
CA GLY A 269 2.18 -2.68 18.65
C GLY A 269 1.04 -1.92 18.03
N SER A 270 -0.18 -2.27 18.42
CA SER A 270 -1.37 -1.61 17.89
C SER A 270 -2.53 -1.73 18.87
N ALA A 271 -3.56 -0.92 18.67
CA ALA A 271 -4.71 -0.89 19.58
C ALA A 271 -5.94 -0.25 18.95
N ILE A 272 -7.11 -0.65 19.42
CA ILE A 272 -8.37 -0.02 19.03
C ILE A 272 -9.29 0.14 20.24
N ASN A 273 -10.13 1.16 20.22
CA ASN A 273 -11.18 1.32 21.22
C ASN A 273 -12.30 2.23 20.75
N HIS A 274 -13.20 2.58 21.67
CA HIS A 274 -14.25 3.52 21.36
C HIS A 274 -14.33 4.59 22.45
N GLY A 275 -14.64 5.82 22.05
CA GLY A 275 -14.67 6.94 22.99
C GLY A 275 -15.76 6.82 24.04
N GLY A 276 -16.80 6.06 23.73
CA GLY A 276 -17.92 5.92 24.64
C GLY A 276 -18.84 7.13 24.57
N ARG A 277 -19.55 7.40 25.66
CA ARG A 277 -20.48 8.52 25.70
C ARG A 277 -19.72 9.84 25.82
N THR A 278 -19.90 10.70 24.82
CA THR A 278 -19.39 12.06 24.88
C THR A 278 -20.54 13.03 24.65
N ASN A 279 -20.27 14.33 24.70
CA ASN A 279 -21.31 15.34 24.58
C ASN A 279 -22.06 15.29 23.24
N GLY A 280 -21.48 14.59 22.28
CA GLY A 280 -22.10 14.43 20.97
C GLY A 280 -21.59 13.17 20.30
N TYR A 281 -22.34 12.70 19.31
CA TYR A 281 -22.02 11.44 18.64
C TYR A 281 -20.66 11.47 17.92
N THR A 282 -20.27 12.64 17.43
CA THR A 282 -19.01 12.76 16.71
C THR A 282 -17.99 13.60 17.48
N VAL A 283 -18.26 13.83 18.76
CA VAL A 283 -17.33 14.58 19.61
C VAL A 283 -16.23 13.68 20.16
N PRO A 284 -14.98 13.93 19.76
CA PRO A 284 -13.85 13.08 20.14
C PRO A 284 -13.57 13.08 21.64
N ASN A 285 -13.02 11.97 22.13
CA ASN A 285 -12.69 11.81 23.53
C ASN A 285 -11.18 11.72 23.72
N PRO A 286 -10.57 12.82 24.18
CA PRO A 286 -9.12 12.89 24.39
C PRO A 286 -8.64 11.85 25.41
N ARG A 287 -9.47 11.58 26.41
CA ARG A 287 -9.15 10.57 27.41
C ARG A 287 -9.03 9.20 26.77
N ALA A 288 -9.96 8.89 25.87
CA ALA A 288 -9.98 7.62 25.16
C ALA A 288 -8.77 7.48 24.23
N GLN A 289 -8.43 8.58 23.56
CA GLN A 289 -7.29 8.58 22.65
C GLN A 289 -6.00 8.33 23.41
N ALA A 290 -5.93 8.86 24.62
CA ALA A 290 -4.77 8.66 25.48
C ALA A 290 -4.62 7.20 25.87
N ALA A 291 -5.71 6.62 26.38
CA ALA A 291 -5.74 5.21 26.76
C ALA A 291 -5.40 4.32 25.56
N LEU A 292 -5.91 4.72 24.40
CA LEU A 292 -5.65 4.02 23.14
C LEU A 292 -4.15 3.92 22.86
N ILE A 293 -3.49 5.08 22.82
CA ILE A 293 -2.07 5.13 22.49
C ILE A 293 -1.22 4.48 23.57
N ARG A 294 -1.61 4.66 24.84
CA ARG A 294 -0.92 4.00 25.94
C ARG A 294 -1.01 2.49 25.80
N ASP A 295 -2.17 2.01 25.37
CA ASP A 295 -2.38 0.59 25.16
C ASP A 295 -1.40 0.04 24.14
N ALA A 296 -1.32 0.71 22.99
CA ALA A 296 -0.40 0.31 21.93
C ALA A 296 1.05 0.34 22.41
N LEU A 297 1.39 1.37 23.17
CA LEU A 297 2.74 1.55 23.70
C LEU A 297 3.17 0.37 24.56
N ASP A 298 2.27 -0.08 25.43
CA ASP A 298 2.57 -1.17 26.37
C ASP A 298 2.68 -2.51 25.66
N ARG A 299 1.83 -2.73 24.67
CA ARG A 299 1.87 -3.98 23.91
C ARG A 299 3.16 -4.08 23.09
N ALA A 300 3.69 -2.93 22.72
CA ALA A 300 4.95 -2.88 21.99
C ALA A 300 6.14 -2.95 22.96
N GLY A 301 5.85 -2.76 24.24
CA GLY A 301 6.88 -2.74 25.26
C GLY A 301 7.81 -1.55 25.06
N VAL A 302 7.25 -0.44 24.62
CA VAL A 302 8.03 0.74 24.30
C VAL A 302 7.53 1.96 25.08
N SER A 303 8.46 2.70 25.68
CA SER A 303 8.11 3.96 26.34
C SER A 303 7.80 5.01 25.28
N ALA A 304 7.01 6.02 25.65
CA ALA A 304 6.64 7.08 24.73
C ALA A 304 7.86 7.82 24.21
N ALA A 305 8.94 7.80 24.99
CA ALA A 305 10.19 8.44 24.59
C ALA A 305 10.90 7.65 23.50
N GLY A 306 10.31 6.50 23.13
CA GLY A 306 10.87 5.67 22.10
C GLY A 306 10.26 5.94 20.73
N ILE A 307 9.37 6.92 20.67
CA ILE A 307 8.70 7.28 19.43
C ILE A 307 9.33 8.52 18.81
N GLY A 308 9.72 8.40 17.55
CA GLY A 308 10.40 9.49 16.85
C GLY A 308 9.49 10.35 16.00
N TYR A 309 8.32 9.82 15.66
CA TYR A 309 7.38 10.57 14.83
C TYR A 309 5.95 10.14 15.10
N ILE A 310 5.06 11.13 15.14
CA ILE A 310 3.63 10.84 15.22
C ILE A 310 2.96 11.25 13.92
N GLU A 311 2.45 10.28 13.19
CA GLU A 311 1.59 10.56 12.05
C GLU A 311 0.19 10.73 12.57
N ALA A 312 -0.18 11.97 12.86
CA ALA A 312 -1.44 12.27 13.52
C ALA A 312 -2.63 12.17 12.58
N HIS A 313 -3.81 12.00 13.16
CA HIS A 313 -5.07 12.02 12.41
C HIS A 313 -5.17 13.34 11.66
N GLY A 314 -4.99 14.44 12.40
CA GLY A 314 -4.86 15.77 11.83
C GLY A 314 -5.86 16.17 10.75
N THR A 315 -7.14 16.19 11.11
CA THR A 315 -8.19 16.56 10.17
C THR A 315 -8.05 18.01 9.71
N GLY A 316 -7.67 18.89 10.63
CA GLY A 316 -7.51 20.29 10.32
C GLY A 316 -8.73 21.10 10.70
N THR A 317 -9.36 20.72 11.81
CA THR A 317 -10.54 21.44 12.30
C THR A 317 -10.16 22.26 13.53
N ARG A 318 -11.00 23.24 13.86
CA ARG A 318 -10.70 24.21 14.91
C ARG A 318 -10.53 23.56 16.28
N LEU A 319 -11.48 22.71 16.66
CA LEU A 319 -11.47 22.09 17.98
C LEU A 319 -10.92 20.66 17.94
N GLY A 320 -10.98 20.04 16.77
CA GLY A 320 -10.54 18.66 16.63
C GLY A 320 -9.06 18.45 16.88
N ASP A 321 -8.22 19.25 16.22
CA ASP A 321 -6.76 19.13 16.35
C ASP A 321 -6.23 19.34 17.78
N PRO A 322 -6.76 20.33 18.52
CA PRO A 322 -6.27 20.44 19.90
C PRO A 322 -6.64 19.24 20.77
N VAL A 323 -7.77 18.62 20.50
CA VAL A 323 -8.17 17.42 21.24
C VAL A 323 -7.18 16.28 21.01
N GLU A 324 -6.76 16.11 19.76
CA GLU A 324 -5.82 15.06 19.41
C GLU A 324 -4.49 15.23 20.13
N ILE A 325 -4.06 16.48 20.26
CA ILE A 325 -2.82 16.79 20.94
C ILE A 325 -2.97 16.66 22.45
N ASP A 326 -4.17 16.96 22.93
CA ASP A 326 -4.49 16.73 24.33
C ASP A 326 -4.33 15.25 24.65
N GLY A 327 -4.91 14.39 23.82
CA GLY A 327 -4.80 12.96 24.00
C GLY A 327 -3.38 12.47 23.86
N LEU A 328 -2.63 13.09 22.96
CA LEU A 328 -1.24 12.73 22.73
C LEU A 328 -0.36 13.09 23.92
N THR A 329 -0.59 14.28 24.49
CA THR A 329 0.19 14.73 25.64
C THR A 329 -0.08 13.88 26.87
N GLN A 330 -1.35 13.51 27.06
CA GLN A 330 -1.73 12.67 28.19
C GLN A 330 -1.08 11.30 28.09
N ALA A 331 -0.98 10.79 26.88
CA ALA A 331 -0.38 9.47 26.64
C ALA A 331 1.12 9.50 26.84
N PHE A 332 1.76 10.56 26.35
CA PHE A 332 3.22 10.68 26.44
C PHE A 332 3.68 11.26 27.77
N ALA A 333 2.72 11.57 28.64
CA ALA A 333 3.02 12.25 29.90
C ALA A 333 3.93 11.47 30.85
N PRO A 334 3.65 10.18 31.11
CA PRO A 334 4.57 9.49 32.03
C PRO A 334 5.94 9.22 31.41
N ASP A 335 6.00 9.05 30.09
CA ASP A 335 7.27 8.84 29.39
C ASP A 335 7.56 9.99 28.44
N GLY A 340 9.43 18.61 25.74
CA GLY A 340 9.92 17.59 24.82
C GLY A 340 9.76 18.01 23.36
N ALA A 341 10.38 17.24 22.46
CA ALA A 341 10.35 17.55 21.04
C ALA A 341 10.29 16.30 20.19
N CYS A 342 9.08 15.79 19.98
CA CYS A 342 8.85 14.66 19.08
C CYS A 342 8.20 15.13 17.79
N ALA A 343 8.79 14.75 16.66
CA ALA A 343 8.31 15.18 15.35
C ALA A 343 6.86 14.76 15.13
N LEU A 344 6.05 15.70 14.65
CA LEU A 344 4.63 15.43 14.42
C LEU A 344 4.14 16.08 13.13
N GLY A 345 3.28 15.37 12.41
CA GLY A 345 2.71 15.88 11.18
C GLY A 345 1.57 15.02 10.68
N SER A 346 1.07 15.32 9.48
CA SER A 346 -0.06 14.59 8.93
C SER A 346 -0.05 14.60 7.40
N VAL A 347 -0.17 13.41 6.81
CA VAL A 347 -0.20 13.26 5.36
C VAL A 347 -1.46 13.91 4.78
N LYS A 348 -2.44 14.15 5.65
CA LYS A 348 -3.67 14.84 5.26
C LYS A 348 -3.37 16.17 4.56
N SER A 349 -2.33 16.85 5.04
CA SER A 349 -1.94 18.15 4.49
C SER A 349 -1.42 18.03 3.07
N ASN A 350 -1.08 16.80 2.65
CA ASN A 350 -0.59 16.56 1.29
C ASN A 350 -1.69 16.10 0.35
N ILE A 351 -2.47 15.10 0.79
CA ILE A 351 -3.42 14.44 -0.09
C ILE A 351 -4.84 14.43 0.47
N GLY A 352 -5.08 15.23 1.50
CA GLY A 352 -6.42 15.35 2.06
C GLY A 352 -6.82 14.19 2.94
N HIS A 353 -8.13 14.08 3.20
CA HIS A 353 -8.67 13.07 4.09
C HIS A 353 -9.17 11.88 3.27
N LEU A 354 -8.48 10.75 3.42
CA LEU A 354 -8.83 9.55 2.66
C LEU A 354 -9.78 8.63 3.44
N GLU A 355 -10.23 9.11 4.59
CA GLU A 355 -11.20 8.41 5.43
C GLU A 355 -10.93 6.91 5.59
N ALA A 356 -11.63 6.11 4.80
CA ALA A 356 -11.43 4.66 4.84
C ALA A 356 -9.96 4.32 4.56
N ALA A 357 -9.34 5.09 3.66
CA ALA A 357 -7.97 4.83 3.27
C ALA A 357 -6.98 5.77 3.97
N ALA A 358 -7.48 6.52 4.94
CA ALA A 358 -6.65 7.47 5.67
C ALA A 358 -5.55 6.75 6.46
N GLY A 359 -5.92 5.65 7.09
CA GLY A 359 -5.00 4.89 7.91
C GLY A 359 -3.83 4.32 7.13
N ILE A 360 -4.14 3.63 6.03
CA ILE A 360 -3.11 3.00 5.20
C ILE A 360 -2.19 4.06 4.58
N ALA A 361 -2.76 5.21 4.23
CA ALA A 361 -1.99 6.32 3.68
C ALA A 361 -1.00 6.86 4.71
N GLY A 362 -1.50 7.05 5.93
CA GLY A 362 -0.65 7.51 7.02
C GLY A 362 0.44 6.52 7.36
N LEU A 363 0.07 5.25 7.41
CA LEU A 363 1.02 4.18 7.67
C LEU A 363 2.10 4.13 6.59
N THR A 364 1.68 4.26 5.34
CA THR A 364 2.59 4.23 4.20
C THR A 364 3.63 5.34 4.29
N LYS A 365 3.16 6.55 4.55
CA LYS A 365 4.06 7.69 4.74
C LYS A 365 5.05 7.42 5.86
N ALA A 366 4.56 6.87 6.96
CA ALA A 366 5.41 6.56 8.12
C ALA A 366 6.51 5.58 7.76
N VAL A 367 6.15 4.54 7.01
CA VAL A 367 7.12 3.54 6.60
C VAL A 367 8.17 4.15 5.67
N LEU A 368 7.71 4.95 4.71
CA LEU A 368 8.60 5.63 3.78
C LEU A 368 9.57 6.55 4.53
N GLN A 369 9.08 7.21 5.57
CA GLN A 369 9.93 8.04 6.41
C GLN A 369 10.97 7.19 7.14
N LEU A 370 10.52 6.08 7.73
CA LEU A 370 11.41 5.16 8.42
C LEU A 370 12.51 4.65 7.51
N GLN A 371 12.14 4.27 6.30
CA GLN A 371 13.08 3.67 5.36
C GLN A 371 14.07 4.68 4.81
N HIS A 372 13.58 5.86 4.43
CA HIS A 372 14.45 6.90 3.88
C HIS A 372 15.21 7.64 4.97
N GLY A 373 14.80 7.44 6.22
CA GLY A 373 15.40 8.13 7.35
C GLY A 373 15.22 9.63 7.24
N GLU A 374 14.06 10.05 6.75
CA GLU A 374 13.78 11.48 6.59
C GLU A 374 12.39 11.84 7.11
N PHE A 375 12.23 13.12 7.47
CA PHE A 375 10.93 13.67 7.81
C PHE A 375 10.37 14.44 6.62
N ALA A 376 9.18 14.05 6.17
CA ALA A 376 8.48 14.84 5.18
C ALA A 376 7.80 16.01 5.88
N PRO A 377 7.83 17.20 5.27
CA PRO A 377 7.20 18.38 5.89
C PRO A 377 5.68 18.26 5.98
N THR A 378 5.08 19.03 6.89
CA THR A 378 3.63 19.12 6.97
C THR A 378 3.20 20.48 6.45
N LEU A 379 2.23 20.49 5.56
CA LEU A 379 1.84 21.71 4.86
C LEU A 379 0.81 22.52 5.65
N HIS A 380 0.74 23.81 5.35
CA HIS A 380 -0.22 24.73 5.97
C HIS A 380 -0.05 24.83 7.48
N ALA A 381 1.19 24.81 7.94
CA ALA A 381 1.49 24.85 9.36
C ALA A 381 2.34 26.07 9.72
N GLU A 382 2.53 26.95 8.74
CA GLU A 382 3.31 28.17 8.94
C GLU A 382 2.80 28.95 10.14
N GLN A 383 1.48 28.97 10.30
CA GLN A 383 0.87 29.50 11.51
C GLN A 383 0.18 28.36 12.26
N THR A 384 0.76 28.00 13.40
CA THR A 384 0.23 26.91 14.22
C THR A 384 -1.12 27.30 14.83
N ASN A 385 -2.02 26.34 14.95
CA ASN A 385 -3.34 26.56 15.57
C ASN A 385 -3.21 27.26 16.91
N PRO A 386 -3.89 28.41 17.05
CA PRO A 386 -3.80 29.30 18.23
C PRO A 386 -4.09 28.60 19.55
N ASP A 387 -4.93 27.57 19.51
CA ASP A 387 -5.33 26.87 20.73
C ASP A 387 -4.31 25.81 21.16
N ILE A 388 -3.19 25.76 20.46
CA ILE A 388 -2.12 24.81 20.78
C ILE A 388 -0.74 25.47 20.78
N ASP A 389 0.02 25.22 21.84
CA ASP A 389 1.45 25.52 21.78
C ASP A 389 2.24 24.24 22.05
N PHE A 390 2.96 23.79 21.04
CA PHE A 390 3.71 22.54 21.12
C PHE A 390 4.88 22.64 22.09
N ALA A 391 5.17 23.86 22.54
CA ALA A 391 6.24 24.09 23.50
C ALA A 391 5.91 23.43 24.83
N ALA A 392 4.63 23.34 25.15
CA ALA A 392 4.18 22.71 26.40
C ALA A 392 3.84 21.24 26.17
N THR A 393 4.04 20.78 24.95
CA THR A 393 3.78 19.38 24.60
C THR A 393 5.10 18.67 24.31
N PRO A 394 5.10 17.33 24.40
CA PRO A 394 6.33 16.58 24.04
C PRO A 394 6.58 16.56 22.54
N PHE A 395 5.80 17.34 21.79
CA PHE A 395 5.81 17.25 20.33
C PHE A 395 6.22 18.56 19.65
N THR A 396 6.68 18.45 18.41
CA THR A 396 7.06 19.61 17.62
C THR A 396 6.62 19.41 16.17
N LEU A 397 5.80 20.33 15.68
CA LEU A 397 5.22 20.23 14.35
C LEU A 397 6.28 20.35 13.26
N GLN A 398 6.44 19.29 12.47
CA GLN A 398 7.42 19.28 11.38
C GLN A 398 6.95 20.06 10.16
N THR A 399 7.22 21.36 10.15
CA THR A 399 6.80 22.21 9.05
C THR A 399 7.75 22.06 7.87
N GLY A 400 9.01 21.73 8.15
CA GLY A 400 9.99 21.56 7.09
C GLY A 400 10.58 20.17 7.06
N GLY A 401 11.15 19.81 5.91
CA GLY A 401 11.81 18.53 5.76
C GLY A 401 13.13 18.49 6.50
N ALA A 402 13.47 17.33 7.04
CA ALA A 402 14.71 17.16 7.80
C ALA A 402 15.05 15.68 7.94
N PRO A 403 16.35 15.36 8.10
CA PRO A 403 16.76 13.98 8.34
C PRO A 403 16.19 13.42 9.65
N TRP A 404 16.00 12.10 9.68
CA TRP A 404 15.55 11.41 10.89
C TRP A 404 16.71 10.60 11.46
N PRO A 405 17.46 11.19 12.40
CA PRO A 405 18.64 10.54 12.95
C PRO A 405 18.29 9.36 13.85
N ARG A 406 19.18 8.38 13.95
CA ARG A 406 18.98 7.26 14.84
C ARG A 406 18.86 7.75 16.28
N PRO A 407 17.93 7.17 17.04
CA PRO A 407 17.75 7.54 18.45
C PRO A 407 19.03 7.34 19.26
N ALA A 408 19.21 8.15 20.31
CA ALA A 408 20.40 8.07 21.15
C ALA A 408 20.49 6.71 21.83
N ASP A 409 19.35 6.07 22.04
CA ASP A 409 19.27 4.75 22.64
C ASP A 409 20.09 3.74 21.85
N GLY A 410 20.14 3.93 20.53
CA GLY A 410 20.79 2.98 19.65
C GLY A 410 19.75 2.06 19.06
N GLY A 411 18.53 2.16 19.58
CA GLY A 411 17.43 1.33 19.11
C GLY A 411 16.93 1.72 17.74
N PRO A 412 15.75 1.22 17.36
CA PRO A 412 15.17 1.49 16.04
C PRO A 412 14.38 2.79 16.00
N ARG A 413 14.21 3.34 14.81
CA ARG A 413 13.28 4.44 14.61
C ARG A 413 11.86 3.89 14.77
N ARG A 414 11.01 4.65 15.44
CA ARG A 414 9.62 4.24 15.61
C ARG A 414 8.66 5.38 15.28
N ALA A 415 7.55 5.03 14.62
CA ALA A 415 6.52 6.00 14.31
C ALA A 415 5.18 5.57 14.87
N GLY A 416 4.40 6.53 15.33
CA GLY A 416 3.05 6.27 15.79
C GLY A 416 2.05 6.83 14.79
N ILE A 417 1.09 6.00 14.38
CA ILE A 417 0.09 6.44 13.44
C ILE A 417 -1.31 6.36 14.05
N SER A 418 -2.03 7.47 14.04
CA SER A 418 -3.37 7.51 14.62
C SER A 418 -4.43 7.74 13.55
N SER A 419 -5.60 7.15 13.76
CA SER A 419 -6.73 7.34 12.87
C SER A 419 -8.00 7.31 13.70
N PHE A 420 -8.78 8.39 13.64
CA PHE A 420 -9.94 8.55 14.50
C PHE A 420 -11.24 8.61 13.69
N GLY A 421 -12.12 7.65 13.94
CA GLY A 421 -13.39 7.58 13.24
C GLY A 421 -14.39 8.61 13.74
N ALA A 422 -15.26 9.05 12.85
CA ALA A 422 -16.27 10.05 13.20
C ALA A 422 -17.29 9.48 14.18
N GLY A 423 -17.42 8.16 14.20
CA GLY A 423 -18.37 7.50 15.06
C GLY A 423 -17.79 7.16 16.42
N GLY A 424 -16.52 7.48 16.61
CA GLY A 424 -15.87 7.27 17.90
C GLY A 424 -15.01 6.02 17.98
N ALA A 425 -14.80 5.37 16.84
CA ALA A 425 -13.95 4.18 16.80
C ALA A 425 -12.52 4.57 16.44
N ASN A 426 -11.61 4.36 17.37
CA ASN A 426 -10.23 4.83 17.22
C ASN A 426 -9.24 3.70 16.97
N ALA A 427 -8.10 4.05 16.39
CA ALA A 427 -7.04 3.09 16.10
C ALA A 427 -5.68 3.73 16.19
N HIS A 428 -4.69 2.98 16.66
CA HIS A 428 -3.32 3.45 16.71
C HIS A 428 -2.34 2.32 16.46
N VAL A 429 -1.40 2.55 15.55
CA VAL A 429 -0.40 1.55 15.21
C VAL A 429 1.01 2.11 15.38
N ILE A 430 1.83 1.41 16.16
CA ILE A 430 3.24 1.76 16.31
C ILE A 430 4.08 0.94 15.34
N VAL A 431 4.88 1.62 14.52
CA VAL A 431 5.68 0.94 13.51
C VAL A 431 7.16 1.23 13.69
N ALA A 432 7.96 0.16 13.68
CA ALA A 432 9.39 0.30 13.90
C ALA A 432 10.19 -0.04 12.66
N GLU A 433 11.30 0.66 12.51
CA GLU A 433 12.31 0.36 11.51
C GLU A 433 12.76 -1.10 11.66
N TYR A 434 12.99 -1.78 10.55
CA TYR A 434 13.50 -3.15 10.63
C TYR A 434 14.99 -3.20 10.41
N ARG A 435 15.71 -3.64 11.44
CA ARG A 435 17.16 -3.74 11.36
C ARG A 435 17.63 -5.18 11.55
N SER A 436 18.65 -5.56 10.80
CA SER A 436 19.16 -6.93 10.84
C SER A 436 20.64 -6.96 10.49
N ALA A 437 21.37 -7.90 11.10
CA ALA A 437 22.81 -8.04 10.87
C ALA A 437 23.12 -8.37 9.41
N THR A 438 23.79 -7.44 8.74
CA THR A 438 24.18 -7.62 7.34
C THR A 438 25.70 -7.72 7.23
N PRO A 439 26.19 -8.75 6.54
CA PRO A 439 27.63 -8.92 6.37
C PRO A 439 28.23 -7.88 5.42
N ALA A 440 29.50 -7.56 5.62
CA ALA A 440 30.20 -6.60 4.76
C ALA A 440 30.18 -7.05 3.31
N PRO A 441 30.00 -6.10 2.38
CA PRO A 441 29.97 -6.38 0.95
C PRO A 441 31.29 -6.93 0.42
N ALA A 442 31.22 -7.80 -0.58
CA ALA A 442 32.41 -8.36 -1.21
C ALA A 442 33.06 -7.32 -2.11
N THR A 443 34.38 -7.22 -2.02
CA THR A 443 35.12 -6.20 -2.75
C THR A 443 35.97 -6.79 -3.87
N PRO A 444 36.04 -6.08 -5.01
CA PRO A 444 35.30 -4.84 -5.26
C PRO A 444 33.88 -5.08 -5.79
N ALA A 445 33.45 -6.35 -5.81
CA ALA A 445 32.14 -6.71 -6.33
C ALA A 445 31.78 -8.15 -5.94
N PRO A 446 30.47 -8.47 -5.93
CA PRO A 446 30.05 -9.87 -5.73
C PRO A 446 30.54 -10.76 -6.87
N SER A 447 30.49 -12.07 -6.66
CA SER A 447 30.92 -13.03 -7.68
C SER A 447 30.07 -12.90 -8.94
N ALA A 448 30.74 -12.90 -10.09
CA ALA A 448 30.06 -12.77 -11.37
C ALA A 448 29.71 -14.14 -11.96
N ARG A 449 28.68 -14.77 -11.42
CA ARG A 449 28.18 -16.04 -11.96
C ARG A 449 26.91 -15.81 -12.77
N PRO A 450 26.72 -16.56 -13.86
CA PRO A 450 25.56 -16.37 -14.74
C PRO A 450 24.28 -16.89 -14.11
N VAL A 451 23.23 -16.08 -14.13
CA VAL A 451 21.95 -16.49 -13.58
C VAL A 451 20.85 -16.31 -14.61
N LEU A 452 19.81 -17.15 -14.51
CA LEU A 452 18.66 -17.02 -15.39
C LEU A 452 17.70 -16.00 -14.81
N LEU A 453 17.30 -15.04 -15.63
CA LEU A 453 16.40 -13.99 -15.21
C LEU A 453 15.11 -14.06 -16.02
N PRO A 454 14.19 -14.92 -15.60
CA PRO A 454 12.94 -15.15 -16.33
C PRO A 454 11.93 -14.04 -16.11
N LEU A 455 11.21 -13.68 -17.16
CA LEU A 455 10.25 -12.60 -17.11
C LEU A 455 9.01 -13.00 -17.90
N SER A 456 7.83 -12.80 -17.32
CA SER A 456 6.60 -13.12 -18.05
C SER A 456 5.45 -12.21 -17.67
N ALA A 457 4.49 -12.10 -18.58
CA ALA A 457 3.29 -11.30 -18.37
C ALA A 457 2.16 -11.82 -19.25
N ARG A 458 0.95 -11.36 -19.02
CA ARG A 458 -0.21 -11.88 -19.75
C ARG A 458 -0.22 -11.45 -21.21
N THR A 459 0.30 -10.26 -21.49
CA THR A 459 0.39 -9.76 -22.87
C THR A 459 1.79 -9.25 -23.16
N THR A 460 2.06 -8.97 -24.43
CA THR A 460 3.37 -8.46 -24.83
C THR A 460 3.56 -7.05 -24.31
N GLU A 461 2.49 -6.25 -24.34
CA GLU A 461 2.51 -4.90 -23.81
C GLU A 461 2.86 -4.89 -22.32
N ASP A 462 2.26 -5.82 -21.58
CA ASP A 462 2.57 -5.99 -20.17
C ASP A 462 4.01 -6.46 -19.98
N LEU A 463 4.47 -7.30 -20.88
CA LEU A 463 5.83 -7.84 -20.79
C LEU A 463 6.85 -6.73 -20.93
N HIS A 464 6.64 -5.86 -21.91
CA HIS A 464 7.55 -4.75 -22.13
C HIS A 464 7.49 -3.77 -20.97
N ALA A 465 6.30 -3.61 -20.39
CA ALA A 465 6.13 -2.76 -19.24
C ALA A 465 6.92 -3.31 -18.04
N ARG A 466 6.84 -4.62 -17.83
CA ARG A 466 7.59 -5.30 -16.78
C ARG A 466 9.10 -5.06 -16.92
N ALA A 467 9.60 -5.22 -18.13
CA ALA A 467 11.01 -5.02 -18.42
C ALA A 467 11.40 -3.57 -18.18
N GLY A 468 10.50 -2.65 -18.54
CA GLY A 468 10.73 -1.24 -18.30
C GLY A 468 10.88 -0.96 -16.82
N GLN A 469 10.06 -1.63 -16.02
CA GLN A 469 10.09 -1.48 -14.57
C GLN A 469 11.44 -1.91 -14.01
N LEU A 470 11.96 -3.03 -14.52
CA LEU A 470 13.21 -3.57 -14.02
C LEU A 470 14.41 -2.73 -14.47
N SER A 471 14.30 -2.16 -15.66
CA SER A 471 15.32 -1.24 -16.14
C SER A 471 15.43 -0.03 -15.22
N ASP A 472 14.29 0.54 -14.87
CA ASP A 472 14.23 1.65 -13.92
C ASP A 472 14.79 1.24 -12.56
N LEU A 473 14.54 -0.02 -12.17
CA LEU A 473 15.03 -0.53 -10.90
C LEU A 473 16.56 -0.57 -10.86
N LEU A 474 17.16 -1.07 -11.94
CA LEU A 474 18.61 -1.16 -12.03
C LEU A 474 19.26 0.21 -12.06
N ARG A 475 18.52 1.20 -12.55
CA ARG A 475 19.09 2.52 -12.78
C ARG A 475 18.85 3.51 -11.63
N ASN A 476 17.83 3.26 -10.82
CA ASN A 476 17.44 4.22 -9.80
C ASN A 476 18.08 3.99 -8.43
N GLY A 477 19.11 3.15 -8.39
CA GLY A 477 19.94 3.05 -7.21
C GLY A 477 19.45 2.16 -6.08
N ALA A 478 18.34 1.47 -6.32
CA ALA A 478 17.90 0.46 -5.36
C ALA A 478 18.95 -0.63 -5.30
N PRO A 479 19.25 -1.12 -4.09
CA PRO A 479 20.22 -2.21 -3.92
C PRO A 479 19.85 -3.43 -4.76
N VAL A 480 20.78 -3.86 -5.61
CA VAL A 480 20.52 -4.97 -6.51
C VAL A 480 21.67 -5.97 -6.54
N ASP A 481 21.38 -7.19 -6.11
CA ASP A 481 22.27 -8.31 -6.41
C ASP A 481 21.51 -9.29 -7.30
N LEU A 482 22.02 -9.51 -8.50
CA LEU A 482 21.39 -10.35 -9.51
C LEU A 482 20.82 -11.68 -9.00
N PRO A 483 21.61 -12.46 -8.24
CA PRO A 483 21.08 -13.77 -7.84
C PRO A 483 19.79 -13.67 -7.01
N ALA A 484 19.69 -12.65 -6.18
CA ALA A 484 18.49 -12.44 -5.39
C ALA A 484 17.33 -12.03 -6.29
N VAL A 485 17.59 -11.12 -7.22
CA VAL A 485 16.60 -10.70 -8.19
C VAL A 485 16.15 -11.88 -9.05
N ALA A 486 17.12 -12.68 -9.48
CA ALA A 486 16.85 -13.87 -10.28
C ALA A 486 15.93 -14.83 -9.53
N ALA A 487 16.29 -15.14 -8.30
CA ALA A 487 15.50 -16.04 -7.46
C ALA A 487 14.06 -15.57 -7.30
N THR A 488 13.87 -14.26 -7.14
CA THR A 488 12.54 -13.70 -6.96
C THR A 488 11.75 -13.77 -8.27
N LEU A 489 12.42 -13.53 -9.40
CA LEU A 489 11.77 -13.66 -10.69
C LEU A 489 11.36 -15.11 -10.95
N GLN A 490 12.16 -16.04 -10.45
CA GLN A 490 11.95 -17.46 -10.69
C GLN A 490 10.83 -18.04 -9.82
N THR A 491 10.89 -17.75 -8.53
CA THR A 491 9.99 -18.37 -7.57
C THR A 491 8.97 -17.42 -6.96
N GLY A 492 9.07 -16.13 -7.27
CA GLY A 492 8.19 -15.13 -6.69
C GLY A 492 7.34 -14.45 -7.74
N ARG A 493 7.26 -15.06 -8.92
CA ARG A 493 6.40 -14.56 -9.99
C ARG A 493 5.70 -15.74 -10.65
N GLU A 494 4.44 -15.54 -11.04
CA GLU A 494 3.71 -16.58 -11.74
C GLU A 494 4.16 -16.68 -13.19
N GLU A 495 4.16 -17.89 -13.73
CA GLU A 495 4.55 -18.11 -15.11
C GLU A 495 3.38 -17.82 -16.03
N ALA A 497 1.85 -16.26 -20.11
CA ALA A 497 1.92 -16.66 -21.51
C ALA A 497 3.08 -16.02 -22.29
N GLU A 498 3.25 -14.71 -22.14
CA GLU A 498 4.29 -14.00 -22.89
C GLU A 498 5.58 -13.97 -22.09
N ARG A 499 6.61 -14.64 -22.61
CA ARG A 499 7.83 -14.85 -21.84
C ARG A 499 9.09 -14.34 -22.53
N VAL A 500 10.02 -13.86 -21.72
CA VAL A 500 11.39 -13.59 -22.17
C VAL A 500 12.33 -13.97 -21.04
N CYS A 501 13.43 -14.62 -21.36
CA CYS A 501 14.37 -15.04 -20.33
C CYS A 501 15.79 -14.60 -20.65
N PHE A 502 16.43 -13.93 -19.69
CA PHE A 502 17.79 -13.44 -19.87
C PHE A 502 18.80 -14.31 -19.14
N VAL A 503 20.03 -14.29 -19.63
CA VAL A 503 21.16 -14.85 -18.89
C VAL A 503 22.22 -13.77 -18.73
N ALA A 504 22.47 -13.35 -17.49
CA ALA A 504 23.43 -12.29 -17.23
C ALA A 504 24.23 -12.57 -15.96
N SER A 505 25.41 -11.97 -15.86
CA SER A 505 26.30 -12.20 -14.73
C SER A 505 26.48 -10.93 -13.89
N THR A 506 26.13 -9.79 -14.47
CA THR A 506 26.23 -8.49 -13.81
C THR A 506 25.00 -7.66 -14.12
N PRO A 507 24.63 -6.73 -13.22
CA PRO A 507 23.49 -5.83 -13.50
C PRO A 507 23.73 -5.00 -14.75
N GLY A 508 24.98 -4.57 -14.94
CA GLY A 508 25.36 -3.82 -16.13
C GLY A 508 25.01 -4.58 -17.40
N GLU A 509 25.36 -5.86 -17.44
CA GLU A 509 25.06 -6.69 -18.60
C GLU A 509 23.56 -6.85 -18.78
N TRP A 510 22.85 -7.07 -17.68
CA TRP A 510 21.41 -7.26 -17.75
C TRP A 510 20.74 -5.99 -18.25
N LEU A 511 21.17 -4.84 -17.75
CA LEU A 511 20.63 -3.56 -18.16
C LEU A 511 20.82 -3.35 -19.65
N ASP A 512 21.99 -3.71 -20.15
CA ASP A 512 22.28 -3.66 -21.58
C ASP A 512 21.27 -4.50 -22.35
N GLN A 513 21.02 -5.71 -21.86
CA GLN A 513 20.09 -6.62 -22.49
C GLN A 513 18.68 -6.05 -22.50
N LEU A 514 18.22 -5.62 -21.33
CA LEU A 514 16.88 -5.05 -21.19
C LEU A 514 16.67 -3.89 -22.16
N GLY A 515 17.69 -3.04 -22.28
CA GLY A 515 17.63 -1.91 -23.18
C GLY A 515 17.44 -2.37 -24.61
N ALA A 516 18.19 -3.40 -24.99
CA ALA A 516 18.08 -3.98 -26.32
C ALA A 516 16.69 -4.57 -26.55
N PHE A 517 16.19 -5.27 -25.55
CA PHE A 517 14.88 -5.91 -25.62
C PHE A 517 13.77 -4.89 -25.79
N LEU A 518 13.81 -3.82 -25.00
CA LEU A 518 12.79 -2.78 -25.06
C LEU A 518 12.80 -2.07 -26.39
N ALA A 519 13.97 -2.00 -27.02
CA ALA A 519 14.11 -1.37 -28.32
C ALA A 519 13.73 -2.33 -29.44
N ASP A 520 13.43 -3.58 -29.06
CA ASP A 520 12.99 -4.59 -30.00
C ASP A 520 11.73 -5.30 -29.50
N GLU A 550 21.79 -12.36 -33.90
CA GLU A 550 20.92 -12.91 -32.86
C GLU A 550 20.77 -11.94 -31.69
N VAL A 551 19.97 -12.33 -30.70
CA VAL A 551 19.68 -11.47 -29.56
C VAL A 551 20.05 -12.13 -28.24
N PRO A 552 20.42 -11.33 -27.23
CA PRO A 552 20.79 -11.86 -25.92
C PRO A 552 19.60 -12.17 -25.01
N TRP A 553 18.65 -12.94 -25.52
CA TRP A 553 17.51 -13.39 -24.73
C TRP A 553 16.71 -14.46 -25.50
N SER A 554 15.89 -15.21 -24.77
CA SER A 554 14.99 -16.16 -25.40
C SER A 554 13.57 -15.69 -25.23
N ARG A 555 12.88 -15.51 -26.35
CA ARG A 555 11.49 -15.05 -26.34
C ARG A 555 10.54 -16.22 -26.62
N GLY A 556 9.39 -16.21 -25.97
CA GLY A 556 8.42 -17.27 -26.17
C GLY A 556 7.00 -16.87 -25.84
N ARG A 557 6.04 -17.52 -26.49
CA ARG A 557 4.64 -17.39 -26.13
C ARG A 557 4.08 -18.77 -25.76
N VAL A 558 3.67 -18.91 -24.51
CA VAL A 558 3.25 -20.22 -24.01
C VAL A 558 1.76 -20.25 -23.73
N ARG A 559 1.01 -20.76 -24.70
CA ARG A 559 -0.42 -20.95 -24.53
C ARG A 559 -0.71 -22.44 -24.39
N ALA A 560 -0.62 -22.92 -23.16
CA ALA A 560 -0.71 -24.35 -22.85
C ALA A 560 -0.99 -24.51 -21.37
N THR A 561 -1.68 -25.58 -21.00
CA THR A 561 -1.91 -25.87 -19.59
C THR A 561 -0.62 -26.38 -18.96
N ARG A 562 -0.49 -26.18 -17.66
CA ARG A 562 0.68 -26.63 -16.93
C ARG A 562 0.80 -28.15 -17.02
N GLU A 563 -0.35 -28.82 -16.99
CA GLU A 563 -0.40 -30.28 -17.06
C GLU A 563 0.16 -30.82 -18.37
N THR A 564 -0.20 -30.18 -19.48
CA THR A 564 0.29 -30.58 -20.79
C THR A 564 1.81 -30.43 -20.86
N LEU A 565 2.30 -29.28 -20.47
CA LEU A 565 3.73 -28.99 -20.48
C LEU A 565 4.50 -29.90 -19.54
N ALA A 566 3.88 -30.22 -18.40
CA ALA A 566 4.50 -31.13 -17.45
C ALA A 566 4.70 -32.53 -18.03
N ALA A 567 3.67 -33.02 -18.73
CA ALA A 567 3.72 -34.34 -19.35
C ALA A 567 4.86 -34.46 -20.34
N LEU A 568 5.06 -33.40 -21.13
CA LEU A 568 6.19 -33.33 -22.04
C LEU A 568 7.52 -33.40 -21.31
N ALA A 569 7.66 -32.57 -20.27
CA ALA A 569 8.90 -32.46 -19.52
C ALA A 569 9.30 -33.77 -18.85
N GLU A 570 8.33 -34.67 -18.67
CA GLU A 570 8.58 -35.94 -18.00
C GLU A 570 9.19 -36.99 -18.92
N LYS A 571 9.18 -36.73 -20.23
CA LYS A 571 9.88 -37.60 -21.17
C LYS A 571 11.33 -37.75 -20.74
N ASP A 572 11.80 -39.00 -20.70
CA ASP A 572 13.12 -39.30 -20.14
C ASP A 572 14.24 -38.51 -20.81
N GLU A 573 14.21 -38.42 -22.14
CA GLU A 573 15.28 -37.74 -22.85
C GLU A 573 15.22 -36.23 -22.64
N LEU A 574 14.03 -35.73 -22.32
CA LEU A 574 13.88 -34.31 -22.00
C LEU A 574 14.39 -34.03 -20.60
N ARG A 575 14.12 -34.94 -19.67
CA ARG A 575 14.71 -34.87 -18.35
C ARG A 575 16.22 -34.88 -18.46
N ALA A 576 16.73 -35.78 -19.29
CA ALA A 576 18.16 -35.94 -19.51
C ALA A 576 18.78 -34.66 -20.07
N LEU A 577 18.04 -33.98 -20.95
CA LEU A 577 18.51 -32.73 -21.54
C LEU A 577 18.73 -31.67 -20.48
N VAL A 578 17.77 -31.51 -19.59
CA VAL A 578 17.86 -30.49 -18.55
C VAL A 578 19.03 -30.78 -17.62
N THR A 579 19.15 -32.03 -17.18
CA THR A 579 20.25 -32.44 -16.32
C THR A 579 21.60 -32.15 -16.97
N ARG A 580 21.71 -32.48 -18.25
CA ARG A 580 22.92 -32.23 -19.02
C ARG A 580 23.25 -30.74 -19.05
N TRP A 581 22.25 -29.95 -19.43
CA TRP A 581 22.42 -28.50 -19.52
C TRP A 581 22.87 -27.87 -18.22
N ILE A 582 22.30 -28.35 -17.12
CA ILE A 582 22.65 -27.85 -15.80
C ILE A 582 24.09 -28.20 -15.46
N ASN A 583 24.47 -29.44 -15.70
CA ASN A 583 25.83 -29.90 -15.43
C ASN A 583 26.87 -29.21 -16.30
N ARG A 584 26.58 -29.06 -17.59
CA ARG A 584 27.51 -28.43 -18.52
C ARG A 584 27.41 -26.91 -18.45
N GLY A 585 26.47 -26.41 -17.66
CA GLY A 585 26.27 -24.97 -17.51
C GLY A 585 25.82 -24.30 -18.80
N ASP A 586 24.96 -24.98 -19.57
CA ASP A 586 24.38 -24.42 -20.78
C ASP A 586 23.15 -23.57 -20.46
N TRP A 587 23.39 -22.41 -19.86
CA TRP A 587 22.31 -21.59 -19.32
C TRP A 587 21.38 -21.04 -20.40
N HIS A 588 21.92 -20.76 -21.58
CA HIS A 588 21.11 -20.21 -22.65
C HIS A 588 20.14 -21.24 -23.23
N ASP A 589 20.49 -22.52 -23.10
CA ASP A 589 19.60 -23.59 -23.52
C ASP A 589 18.48 -23.78 -22.51
N LEU A 590 18.84 -23.73 -21.23
CA LEU A 590 17.84 -23.80 -20.15
C LEU A 590 16.87 -22.64 -20.25
N ALA A 591 17.40 -21.45 -20.53
CA ALA A 591 16.58 -20.25 -20.69
C ALA A 591 15.61 -20.40 -21.85
N ALA A 592 16.11 -20.92 -22.97
CA ALA A 592 15.27 -21.16 -24.12
C ALA A 592 14.19 -22.18 -23.79
N PHE A 593 14.56 -23.21 -23.04
CA PHE A 593 13.63 -24.25 -22.65
C PHE A 593 12.48 -23.68 -21.83
N TRP A 594 12.82 -22.84 -20.86
CA TRP A 594 11.80 -22.22 -20.00
C TRP A 594 10.91 -21.27 -20.79
N ALA A 595 11.52 -20.47 -21.66
CA ALA A 595 10.79 -19.49 -22.44
C ALA A 595 9.80 -20.15 -23.38
N LYS A 596 10.08 -21.40 -23.77
CA LYS A 596 9.19 -22.14 -24.66
C LYS A 596 8.10 -22.89 -23.91
N GLY A 597 8.15 -22.85 -22.58
CA GLY A 597 7.09 -23.42 -21.77
C GLY A 597 7.47 -24.57 -20.86
N PRO A 599 8.96 -26.54 -17.70
CA PRO A 599 9.16 -26.29 -16.27
C PRO A 599 10.57 -26.57 -15.82
N LEU A 600 11.14 -25.66 -15.04
CA LEU A 600 12.45 -25.86 -14.45
C LEU A 600 12.35 -25.90 -12.93
N ASP A 601 13.02 -26.87 -12.33
CA ASP A 601 13.16 -26.91 -10.88
C ASP A 601 14.27 -25.96 -10.48
N TRP A 602 13.89 -24.72 -10.14
CA TRP A 602 14.85 -23.65 -9.92
C TRP A 602 15.85 -23.94 -8.80
N THR A 603 15.48 -24.83 -7.88
CA THR A 603 16.37 -25.19 -6.77
C THR A 603 17.61 -25.93 -7.27
N ARG A 604 17.54 -26.45 -8.48
CA ARG A 604 18.66 -27.18 -9.07
C ARG A 604 19.73 -26.24 -9.64
N LEU A 605 19.38 -24.97 -9.79
CA LEU A 605 20.27 -24.01 -10.44
C LEU A 605 21.16 -23.27 -9.46
N HIS A 606 21.20 -23.74 -8.21
CA HIS A 606 22.08 -23.15 -7.20
C HIS A 606 22.41 -24.16 -6.10
N THR A 611 19.12 -21.35 -1.44
CA THR A 611 18.18 -20.36 -1.95
C THR A 611 18.41 -19.00 -1.29
N PRO A 612 18.78 -18.00 -2.09
CA PRO A 612 18.90 -16.62 -1.58
C PRO A 612 17.53 -16.09 -1.15
N ALA A 613 17.52 -15.13 -0.23
CA ALA A 613 16.27 -14.53 0.20
C ALA A 613 15.66 -13.71 -0.92
N ARG A 614 14.34 -13.65 -0.95
CA ARG A 614 13.65 -12.90 -2.00
C ARG A 614 13.72 -11.40 -1.73
N VAL A 615 13.51 -10.61 -2.77
CA VAL A 615 13.55 -9.16 -2.65
C VAL A 615 12.29 -8.55 -3.26
N HIS A 616 12.06 -7.28 -2.96
CA HIS A 616 10.91 -6.57 -3.52
C HIS A 616 11.17 -6.16 -4.98
N LEU A 617 10.44 -6.78 -5.90
CA LEU A 617 10.52 -6.40 -7.30
C LEU A 617 9.22 -5.74 -7.72
N PRO A 618 9.28 -4.83 -8.71
CA PRO A 618 8.10 -4.10 -9.19
C PRO A 618 6.89 -4.99 -9.45
N ALA A 619 5.74 -4.56 -8.97
CA ALA A 619 4.50 -5.31 -9.12
C ALA A 619 3.90 -5.12 -10.51
N TYR A 620 2.94 -5.97 -10.87
CA TYR A 620 2.34 -5.99 -12.21
C TYR A 620 1.92 -4.60 -12.67
N PRO A 621 2.36 -4.22 -13.88
CA PRO A 621 2.07 -2.91 -14.47
C PRO A 621 0.67 -2.88 -15.09
N PHE A 622 -0.35 -2.94 -14.24
CA PHE A 622 -1.73 -2.95 -14.71
C PHE A 622 -2.03 -1.77 -15.61
N ALA A 623 -2.58 -2.07 -16.78
CA ALA A 623 -3.00 -1.04 -17.74
C ALA A 623 -4.29 -1.47 -18.39
N GLY A 624 -5.30 -1.73 -17.57
CA GLY A 624 -6.56 -2.29 -18.04
C GLY A 624 -7.46 -1.30 -18.76
N ARG A 625 -8.71 -1.71 -18.96
CA ARG A 625 -9.72 -0.87 -19.60
C ARG A 625 -10.32 0.11 -18.62
N GLN A 626 -11.03 1.10 -19.16
CA GLN A 626 -11.77 2.05 -18.33
C GLN A 626 -13.23 1.60 -18.20
N PHE A 627 -13.69 1.48 -16.96
CA PHE A 627 -15.08 1.14 -16.69
C PHE A 627 -15.74 2.22 -15.85
N TRP A 628 -16.42 3.15 -16.50
CA TRP A 628 -17.07 4.25 -15.80
C TRP A 628 -18.34 4.69 -16.52
N PHE A 629 -19.44 4.77 -15.76
CA PHE A 629 -20.73 5.15 -16.32
C PHE A 629 -20.69 6.57 -16.88
N GLY A 630 -20.11 7.48 -16.10
CA GLY A 630 -20.00 8.87 -16.51
C GLY A 630 -20.43 9.84 -15.43
N PRO A 631 -20.32 11.14 -15.70
CA PRO A 631 -20.69 12.19 -14.73
C PRO A 631 -22.17 12.17 -14.40
#